data_9H1C
#
_entry.id   9H1C
#
_cell.length_a   56.728
_cell.length_b   84.744
_cell.length_c   134.425
_cell.angle_alpha   90.000
_cell.angle_beta   90.000
_cell.angle_gamma   90.000
#
_symmetry.space_group_name_H-M   'P 21 21 21'
#
loop_
_entity.id
_entity.type
_entity.pdbx_description
1 polymer 'Angiotensin-converting enzyme'
2 branched alpha-D-mannopyranose-(1-3)-[alpha-D-mannopyranose-(1-6)]beta-D-mannopyranose-(1-4)-2-acetamido-2-deoxy-beta-D-glucopyranose-(1-4)-[alpha-L-fucopyranose-(1-6)]2-acetamido-2-deoxy-beta-D-glucopyranose
3 non-polymer '(2~{S},5~{R})-5-(3-hydroxyphenyl)-1-[2-[[(2~{S})-3-(4-hydroxyphenyl)-2-sulfanyl-propanoyl]amino]ethanoyl]pyrrolidine-2-carboxylic acid'
4 non-polymer 'BORIC ACID'
5 non-polymer 'TRIETHYLENE GLYCOL'
6 non-polymer IMIDAZOLE
7 non-polymer 1,2-ETHANEDIOL
8 non-polymer 2-acetamido-2-deoxy-beta-D-glucopyranose
9 non-polymer 'ZINC ION'
10 non-polymer 'CHLORIDE ION'
11 water water
#
_entity_poly.entity_id   1
_entity_poly.type   'polypeptide(L)'
_entity_poly.pdbx_seq_one_letter_code
;LVTDEAEASKFVEEYDRTSQVVWNEYAGANWNYNTNITTETSKILLQKNMQIAQHTLKYGTQARKFDVNQLQNTTIKRII
KKVQDLERAALPAQELEEYNKILLDMETTYSVATVCHPQGSCLQLEPDLTNVMATSRKYEDLLWAWEGWRDKAGRAILQF
YPKYVELINQAARLNGYVDAGDSWRSMYETPSLEQDLERLFQELQPLYLNLHAYVRRALHRHYGAQHINLEGPIPAHLLG
NMWAQTWSNIYDLVVPFPSAPSMDTTEAMLKQGWTPRRMFKEADDFFTSLGLLPVPPEFWQKSMLEKPTDGREVVCHASA
WDFYNGKDFRIKQCTTVNLEDLVVAHHEMGHIQYFMQYKDLPVALREGANPGFHEAIGDVLALSVSTPKHLHSLNLLSSE
GGSDEHDINFLMKMALDKIAFIPFSYLVDQWRWRVFDGSITKENYNQEWWSLRLKYQGLCPPVPRTQGDFDPGAKFHIPS
SVPYIRYFVSFIIQFQFHEALCQAAGHTGPLHKCDIYQSKEAGQRLATAMKLGFSRPWPEAMQLITGQPQMSASAMLSYF
KPLLDWLRTENELHGEKLGWPQYNWTPNSARSEGPLP
;
_entity_poly.pdbx_strand_id   A
#
# COMPACT_ATOMS: atom_id res chain seq x y z
N ASP A 4 4.86 43.27 -0.85
CA ASP A 4 5.07 42.12 -1.71
C ASP A 4 5.01 40.83 -0.88
N GLU A 5 5.89 40.75 0.12
CA GLU A 5 5.78 39.68 1.10
C GLU A 5 4.38 39.63 1.70
N ALA A 6 3.80 40.80 1.94
CA ALA A 6 2.47 40.88 2.55
C ALA A 6 1.39 40.36 1.62
N GLU A 7 1.52 40.62 0.31
CA GLU A 7 0.56 40.06 -0.63
C GLU A 7 0.62 38.54 -0.63
N ALA A 8 1.81 37.97 -0.51
CA ALA A 8 1.95 36.52 -0.51
C ALA A 8 1.30 35.91 0.72
N SER A 9 1.47 36.54 1.89
CA SER A 9 0.87 36.03 3.10
C SER A 9 -0.66 36.07 3.02
N LYS A 10 -1.22 37.20 2.57
CA LYS A 10 -2.66 37.29 2.40
C LYS A 10 -3.16 36.24 1.43
N PHE A 11 -2.42 35.98 0.37
CA PHE A 11 -2.85 34.97 -0.61
C PHE A 11 -3.00 33.61 0.05
N VAL A 12 -1.97 33.17 0.79
CA VAL A 12 -2.02 31.84 1.37
C VAL A 12 -3.11 31.76 2.43
N GLU A 13 -3.36 32.86 3.14
CA GLU A 13 -4.46 32.89 4.10
C GLU A 13 -5.80 32.73 3.39
N GLU A 14 -6.00 33.39 2.25
CA GLU A 14 -7.25 33.24 1.53
C GLU A 14 -7.37 31.86 0.89
N TYR A 15 -6.26 31.35 0.36
CA TYR A 15 -6.27 29.98 -0.17
C TYR A 15 -6.70 28.99 0.91
N ASP A 16 -6.15 29.14 2.12
CA ASP A 16 -6.45 28.16 3.16
C ASP A 16 -7.92 28.20 3.55
N ARG A 17 -8.50 29.39 3.67
CA ARG A 17 -9.90 29.50 4.07
C ARG A 17 -10.82 28.86 3.04
N THR A 18 -10.64 29.23 1.78
CA THR A 18 -11.53 28.76 0.73
C THR A 18 -11.31 27.28 0.42
N SER A 19 -10.06 26.80 0.55
CA SER A 19 -9.80 25.40 0.27
C SER A 19 -10.47 24.48 1.27
N GLN A 20 -10.53 24.90 2.54
CA GLN A 20 -11.20 24.08 3.54
C GLN A 20 -12.66 23.85 3.17
N VAL A 21 -13.34 24.90 2.72
CA VAL A 21 -14.76 24.78 2.36
C VAL A 21 -14.92 23.88 1.15
N VAL A 22 -14.19 24.17 0.07
CA VAL A 22 -14.37 23.46 -1.18
C VAL A 22 -13.96 22.00 -1.05
N TRP A 23 -12.81 21.75 -0.40
CA TRP A 23 -12.34 20.38 -0.25
C TRP A 23 -13.28 19.57 0.63
N ASN A 24 -13.85 20.19 1.66
CA ASN A 24 -14.79 19.47 2.52
C ASN A 24 -16.02 19.04 1.73
N GLU A 25 -16.47 19.88 0.78
CA GLU A 25 -17.63 19.52 -0.02
C GLU A 25 -17.29 18.41 -1.00
N TYR A 26 -16.10 18.46 -1.60
CA TYR A 26 -15.71 17.40 -2.52
C TYR A 26 -15.56 16.07 -1.79
N ALA A 27 -14.93 16.09 -0.61
CA ALA A 27 -14.73 14.86 0.15
C ALA A 27 -16.06 14.16 0.40
N GLY A 28 -17.11 14.93 0.70
CA GLY A 28 -18.40 14.32 0.98
C GLY A 28 -19.03 13.66 -0.23
N ALA A 29 -18.88 14.28 -1.41
CA ALA A 29 -19.42 13.67 -2.61
C ALA A 29 -18.60 12.44 -3.01
N ASN A 30 -17.29 12.50 -2.82
CA ASN A 30 -16.45 11.34 -3.12
C ASN A 30 -16.77 10.19 -2.18
N TRP A 31 -16.97 10.49 -0.90
CA TRP A 31 -17.37 9.46 0.06
C TRP A 31 -18.65 8.79 -0.38
N ASN A 32 -19.63 9.56 -0.85
CA ASN A 32 -20.95 9.01 -1.15
C ASN A 32 -20.90 8.08 -2.36
N TYR A 33 -20.15 8.46 -3.41
CA TYR A 33 -19.96 7.52 -4.52
C TYR A 33 -19.23 6.28 -4.06
N ASN A 34 -18.16 6.44 -3.26
CA ASN A 34 -17.35 5.30 -2.86
C ASN A 34 -18.12 4.32 -1.98
N THR A 35 -19.07 4.82 -1.19
CA THR A 35 -19.85 4.00 -0.28
C THR A 35 -21.22 3.63 -0.83
N ASN A 36 -21.46 3.86 -2.12
CA ASN A 36 -22.79 3.72 -2.70
C ASN A 36 -22.72 4.04 -4.20
N ILE A 37 -22.09 3.15 -4.96
CA ILE A 37 -21.87 3.35 -6.39
C ILE A 37 -23.22 3.29 -7.09
N THR A 38 -23.73 4.45 -7.50
CA THR A 38 -24.97 4.53 -8.26
C THR A 38 -24.79 5.54 -9.39
N THR A 39 -25.76 5.57 -10.31
CA THR A 39 -25.70 6.56 -11.39
C THR A 39 -25.84 7.98 -10.83
N GLU A 40 -26.66 8.15 -9.80
CA GLU A 40 -26.83 9.49 -9.22
C GLU A 40 -25.54 9.96 -8.54
N THR A 41 -25.02 9.17 -7.59
CA THR A 41 -23.82 9.61 -6.88
C THR A 41 -22.65 9.80 -7.83
N SER A 42 -22.59 9.01 -8.91
CA SER A 42 -21.58 9.24 -9.94
C SER A 42 -21.74 10.64 -10.54
N LYS A 43 -22.96 10.98 -10.94
CA LYS A 43 -23.21 12.27 -11.57
C LYS A 43 -22.82 13.42 -10.65
N ILE A 44 -23.18 13.33 -9.36
CA ILE A 44 -22.85 14.41 -8.44
C ILE A 44 -21.34 14.53 -8.25
N LEU A 45 -20.67 13.39 -8.07
CA LEU A 45 -19.21 13.41 -7.94
C LEU A 45 -18.60 14.17 -9.11
N LEU A 46 -19.02 13.85 -10.34
CA LEU A 46 -18.46 14.53 -11.51
C LEU A 46 -18.74 16.03 -11.47
N GLN A 47 -19.89 16.45 -10.91
CA GLN A 47 -20.17 17.88 -10.79
C GLN A 47 -19.24 18.52 -9.77
N LYS A 48 -18.97 17.84 -8.67
CA LYS A 48 -18.04 18.38 -7.68
C LYS A 48 -16.62 18.42 -8.22
N ASN A 49 -16.27 17.50 -9.13
CA ASN A 49 -14.97 17.56 -9.78
C ASN A 49 -14.77 18.93 -10.44
N MET A 50 -15.81 19.42 -11.12
CA MET A 50 -15.69 20.69 -11.83
C MET A 50 -15.71 21.87 -10.85
N GLN A 51 -16.44 21.76 -9.75
CA GLN A 51 -16.44 22.86 -8.77
C GLN A 51 -15.07 23.00 -8.11
N ILE A 52 -14.44 21.88 -7.75
CA ILE A 52 -13.12 21.98 -7.14
C ILE A 52 -12.07 22.36 -8.18
N ALA A 53 -12.28 21.98 -9.44
CA ALA A 53 -11.36 22.42 -10.49
C ALA A 53 -11.42 23.93 -10.67
N GLN A 54 -12.61 24.51 -10.56
CA GLN A 54 -12.75 25.96 -10.68
C GLN A 54 -11.97 26.68 -9.59
N HIS A 55 -12.02 26.15 -8.36
CA HIS A 55 -11.26 26.74 -7.26
C HIS A 55 -9.76 26.58 -7.49
N THR A 56 -9.32 25.37 -7.82
CA THR A 56 -7.91 25.12 -8.08
C THR A 56 -7.38 26.04 -9.18
N LEU A 57 -8.17 26.26 -10.23
CA LEU A 57 -7.72 27.11 -11.32
C LEU A 57 -7.63 28.57 -10.90
N LYS A 58 -8.65 29.06 -10.18
CA LYS A 58 -8.62 30.44 -9.72
C LYS A 58 -7.38 30.72 -8.88
N TYR A 59 -7.11 29.87 -7.89
CA TYR A 59 -6.00 30.13 -6.97
C TYR A 59 -4.67 29.72 -7.55
N GLY A 60 -4.64 28.65 -8.35
CA GLY A 60 -3.39 28.28 -9.00
C GLY A 60 -2.93 29.32 -9.99
N THR A 61 -3.88 29.96 -10.68
CA THR A 61 -3.52 31.05 -11.59
C THR A 61 -2.95 32.23 -10.82
N GLN A 62 -3.55 32.58 -9.68
CA GLN A 62 -2.99 33.65 -8.87
C GLN A 62 -1.60 33.27 -8.36
N ALA A 63 -1.44 32.03 -7.87
CA ALA A 63 -0.16 31.62 -7.30
C ALA A 63 0.96 31.72 -8.34
N ARG A 64 0.65 31.41 -9.60
CA ARG A 64 1.67 31.48 -10.63
C ARG A 64 2.10 32.90 -10.96
N LYS A 65 1.38 33.91 -10.46
CA LYS A 65 1.80 35.28 -10.68
C LYS A 65 2.85 35.72 -9.68
N PHE A 66 3.09 34.93 -8.65
CA PHE A 66 4.16 35.19 -7.70
C PHE A 66 5.46 34.61 -8.24
N ASP A 67 6.49 35.45 -8.32
CA ASP A 67 7.85 34.96 -8.54
C ASP A 67 8.34 34.41 -7.20
N VAL A 68 8.30 33.09 -7.06
CA VAL A 68 8.65 32.46 -5.79
C VAL A 68 10.09 32.76 -5.40
N ASN A 69 10.95 33.05 -6.38
CA ASN A 69 12.35 33.33 -6.08
C ASN A 69 12.51 34.55 -5.19
N GLN A 70 11.60 35.53 -5.32
CA GLN A 70 11.70 36.78 -4.58
C GLN A 70 11.10 36.72 -3.19
N LEU A 71 10.42 35.63 -2.84
CA LEU A 71 9.80 35.52 -1.53
C LEU A 71 10.84 35.12 -0.48
N GLN A 72 10.72 35.71 0.70
CA GLN A 72 11.69 35.51 1.77
C GLN A 72 11.26 34.41 2.73
N ASN A 73 10.00 34.43 3.18
CA ASN A 73 9.53 33.44 4.14
C ASN A 73 9.43 32.09 3.46
N THR A 74 10.09 31.08 4.02
CA THR A 74 10.21 29.80 3.33
C THR A 74 8.90 29.01 3.38
N THR A 75 8.10 29.17 4.43
CA THR A 75 6.84 28.45 4.52
C THR A 75 5.85 28.95 3.48
N ILE A 76 5.72 30.27 3.34
CA ILE A 76 4.87 30.84 2.31
C ILE A 76 5.39 30.49 0.93
N LYS A 77 6.71 30.64 0.73
CA LYS A 77 7.37 30.17 -0.48
C LYS A 77 6.92 28.76 -0.86
N ARG A 78 6.93 27.87 0.13
CA ARG A 78 6.66 26.46 -0.11
C ARG A 78 5.19 26.22 -0.45
N ILE A 79 4.28 26.92 0.22
CA ILE A 79 2.86 26.75 -0.07
C ILE A 79 2.55 27.26 -1.47
N ILE A 80 3.03 28.45 -1.81
CA ILE A 80 2.71 29.03 -3.11
C ILE A 80 3.26 28.13 -4.23
N LYS A 81 4.48 27.63 -4.08
CA LYS A 81 5.04 26.74 -5.09
C LYS A 81 4.13 25.53 -5.31
N LYS A 82 3.55 24.99 -4.23
CA LYS A 82 2.68 23.83 -4.36
C LYS A 82 1.35 24.20 -5.04
N VAL A 83 0.81 25.37 -4.72
CA VAL A 83 -0.45 25.79 -5.30
C VAL A 83 -0.31 26.09 -6.79
N GLN A 84 0.91 26.39 -7.25
CA GLN A 84 1.13 26.62 -8.68
C GLN A 84 0.90 25.36 -9.51
N ASP A 85 0.87 24.20 -8.88
CA ASP A 85 0.58 22.94 -9.56
C ASP A 85 -0.92 22.71 -9.51
N LEU A 86 -1.57 22.86 -10.66
CA LEU A 86 -3.02 22.73 -10.76
C LEU A 86 -3.47 21.28 -10.89
N GLU A 87 -2.54 20.35 -11.13
CA GLU A 87 -2.89 18.96 -11.40
C GLU A 87 -3.91 18.93 -12.55
N ARG A 88 -4.97 18.12 -12.42
CA ARG A 88 -5.89 17.96 -13.54
C ARG A 88 -6.62 19.25 -13.91
N ALA A 89 -6.72 20.20 -12.98
CA ALA A 89 -7.39 21.45 -13.30
C ALA A 89 -6.65 22.28 -14.34
N ALA A 90 -5.43 21.88 -14.72
CA ALA A 90 -4.73 22.56 -15.81
C ALA A 90 -5.29 22.15 -17.18
N LEU A 91 -6.05 21.07 -17.27
CA LEU A 91 -6.53 20.59 -18.55
C LEU A 91 -7.61 21.52 -19.11
N PRO A 92 -7.68 21.67 -20.44
CA PRO A 92 -8.85 22.33 -21.03
C PRO A 92 -10.13 21.67 -20.54
N ALA A 93 -11.22 22.45 -20.53
CA ALA A 93 -12.46 21.96 -19.93
C ALA A 93 -12.90 20.65 -20.56
N GLN A 94 -12.79 20.53 -21.88
CA GLN A 94 -13.21 19.31 -22.56
C GLN A 94 -12.38 18.12 -22.08
N GLU A 95 -11.06 18.28 -22.04
CA GLU A 95 -10.19 17.21 -21.58
C GLU A 95 -10.41 16.90 -20.10
N LEU A 96 -10.68 17.92 -19.28
CA LEU A 96 -10.91 17.67 -17.87
C LEU A 96 -12.16 16.81 -17.66
N GLU A 97 -13.24 17.14 -18.35
CA GLU A 97 -14.46 16.35 -18.26
C GLU A 97 -14.21 14.91 -18.69
N GLU A 98 -13.44 14.73 -19.76
CA GLU A 98 -13.13 13.38 -20.23
C GLU A 98 -12.28 12.63 -19.22
N TYR A 99 -11.30 13.30 -18.62
CA TYR A 99 -10.42 12.64 -17.66
C TYR A 99 -11.19 12.19 -16.43
N ASN A 100 -12.06 13.06 -15.90
CA ASN A 100 -12.83 12.67 -14.72
C ASN A 100 -13.71 11.46 -15.02
N LYS A 101 -14.39 11.46 -16.18
CA LYS A 101 -15.21 10.31 -16.53
C LYS A 101 -14.36 9.06 -16.74
N ILE A 102 -13.15 9.22 -17.29
CA ILE A 102 -12.26 8.08 -17.46
C ILE A 102 -11.93 7.46 -16.11
N LEU A 103 -11.54 8.29 -15.14
CA LEU A 103 -11.18 7.77 -13.83
C LEU A 103 -12.38 7.10 -13.17
N LEU A 104 -13.54 7.71 -13.26
CA LEU A 104 -14.75 7.12 -12.70
C LEU A 104 -15.07 5.80 -13.37
N ASP A 105 -14.92 5.73 -14.70
CA ASP A 105 -15.25 4.51 -15.42
C ASP A 105 -14.28 3.38 -15.05
N MET A 106 -12.99 3.70 -14.93
CA MET A 106 -12.02 2.68 -14.54
C MET A 106 -12.30 2.17 -13.13
N GLU A 107 -12.60 3.08 -12.19
CA GLU A 107 -12.82 2.66 -10.82
C GLU A 107 -14.09 1.83 -10.68
N THR A 108 -15.16 2.24 -11.37
CA THR A 108 -16.40 1.47 -11.31
C THR A 108 -16.24 0.10 -11.94
N THR A 109 -15.53 0.03 -13.08
CA THR A 109 -15.33 -1.24 -13.76
C THR A 109 -14.61 -2.23 -12.85
N TYR A 110 -13.54 -1.78 -12.18
CA TYR A 110 -12.80 -2.66 -11.29
C TYR A 110 -13.66 -3.11 -10.12
N SER A 111 -14.46 -2.19 -9.58
CA SER A 111 -15.16 -2.46 -8.34
C SER A 111 -16.33 -3.41 -8.52
N VAL A 112 -16.95 -3.42 -9.71
CA VAL A 112 -18.13 -4.26 -9.94
C VAL A 112 -17.81 -5.53 -10.71
N ALA A 113 -16.55 -5.77 -11.04
CA ALA A 113 -16.20 -6.94 -11.83
C ALA A 113 -16.43 -8.22 -11.02
N THR A 114 -16.91 -9.27 -11.71
CA THR A 114 -17.12 -10.55 -11.06
C THR A 114 -16.60 -11.66 -11.97
N VAL A 115 -16.36 -12.82 -11.37
CA VAL A 115 -15.96 -14.03 -12.07
C VAL A 115 -17.00 -15.10 -11.76
N CYS A 116 -17.53 -15.73 -12.82
CA CYS A 116 -18.68 -16.60 -12.69
C CYS A 116 -18.37 -18.00 -13.19
N HIS A 117 -18.91 -19.01 -12.47
CA HIS A 117 -18.93 -20.37 -12.98
C HIS A 117 -20.07 -20.52 -13.98
N PRO A 118 -19.91 -21.35 -15.01
CA PRO A 118 -20.99 -21.56 -15.97
C PRO A 118 -22.23 -22.11 -15.27
N GLN A 119 -23.34 -21.38 -15.39
CA GLN A 119 -24.57 -21.70 -14.67
C GLN A 119 -24.26 -21.97 -13.20
N GLY A 120 -23.55 -21.03 -12.57
CA GLY A 120 -23.17 -21.16 -11.18
C GLY A 120 -22.99 -19.84 -10.47
N SER A 121 -22.30 -19.87 -9.34
CA SER A 121 -22.14 -18.67 -8.53
C SER A 121 -21.25 -17.66 -9.25
N CYS A 122 -21.51 -16.38 -8.98
CA CYS A 122 -20.64 -15.30 -9.43
C CYS A 122 -19.91 -14.72 -8.21
N LEU A 123 -18.58 -14.66 -8.30
CA LEU A 123 -17.74 -14.32 -7.17
C LEU A 123 -17.15 -12.93 -7.34
N GLN A 124 -17.19 -12.15 -6.26
CA GLN A 124 -16.50 -10.87 -6.20
C GLN A 124 -15.06 -11.07 -5.74
N LEU A 125 -14.23 -10.06 -5.99
CA LEU A 125 -12.84 -10.11 -5.53
C LEU A 125 -12.79 -10.30 -4.02
N GLU A 126 -13.42 -9.37 -3.28
CA GLU A 126 -13.50 -9.47 -1.82
C GLU A 126 -14.92 -9.82 -1.40
N PRO A 127 -15.12 -10.85 -0.57
CA PRO A 127 -14.12 -11.76 0.00
C PRO A 127 -13.83 -12.99 -0.85
N ASP A 128 -14.62 -13.24 -1.89
CA ASP A 128 -14.73 -14.59 -2.45
C ASP A 128 -13.43 -15.03 -3.11
N LEU A 129 -12.97 -14.30 -4.14
CA LEU A 129 -11.77 -14.74 -4.86
C LEU A 129 -10.51 -14.64 -4.00
N THR A 130 -10.43 -13.66 -3.11
CA THR A 130 -9.29 -13.60 -2.20
C THR A 130 -9.26 -14.82 -1.28
N ASN A 131 -10.43 -15.29 -0.85
N ASN A 131 -10.43 -15.29 -0.86
CA ASN A 131 -10.47 -16.50 -0.04
CA ASN A 131 -10.47 -16.50 -0.05
C ASN A 131 -10.00 -17.71 -0.84
C ASN A 131 -10.00 -17.71 -0.84
N VAL A 132 -10.41 -17.81 -2.11
CA VAL A 132 -9.95 -18.92 -2.93
C VAL A 132 -8.42 -18.91 -3.02
N MET A 133 -7.85 -17.75 -3.34
CA MET A 133 -6.39 -17.68 -3.49
C MET A 133 -5.69 -18.02 -2.18
N ALA A 134 -6.33 -17.73 -1.04
CA ALA A 134 -5.69 -17.90 0.26
C ALA A 134 -5.74 -19.34 0.75
N THR A 135 -6.81 -20.07 0.45
CA THR A 135 -7.05 -21.36 1.07
C THR A 135 -7.00 -22.55 0.13
N SER A 136 -7.26 -22.36 -1.16
CA SER A 136 -7.21 -23.50 -2.07
C SER A 136 -5.77 -23.98 -2.24
N ARG A 137 -5.60 -25.30 -2.29
CA ARG A 137 -4.31 -25.91 -2.58
C ARG A 137 -4.39 -26.76 -3.84
N LYS A 138 -5.34 -26.48 -4.72
CA LYS A 138 -5.53 -27.20 -5.97
C LYS A 138 -5.11 -26.28 -7.12
N TYR A 139 -4.10 -26.72 -7.88
CA TYR A 139 -3.54 -25.92 -8.97
C TYR A 139 -4.62 -25.40 -9.91
N GLU A 140 -5.58 -26.24 -10.29
CA GLU A 140 -6.56 -25.81 -11.29
C GLU A 140 -7.59 -24.85 -10.71
N ASP A 141 -7.93 -24.97 -9.43
CA ASP A 141 -8.87 -24.02 -8.83
C ASP A 141 -8.21 -22.66 -8.64
N LEU A 142 -6.95 -22.64 -8.21
CA LEU A 142 -6.23 -21.38 -8.11
C LEU A 142 -6.10 -20.73 -9.49
N LEU A 143 -5.89 -21.54 -10.53
CA LEU A 143 -5.73 -20.99 -11.87
C LEU A 143 -7.01 -20.37 -12.37
N TRP A 144 -8.15 -21.02 -12.08
CA TRP A 144 -9.46 -20.48 -12.46
C TRP A 144 -9.66 -19.09 -11.90
N ALA A 145 -9.39 -18.91 -10.61
CA ALA A 145 -9.60 -17.60 -9.99
C ALA A 145 -8.58 -16.58 -10.50
N TRP A 146 -7.33 -17.03 -10.69
CA TRP A 146 -6.26 -16.14 -11.15
C TRP A 146 -6.53 -15.64 -12.57
N GLU A 147 -6.81 -16.56 -13.48
CA GLU A 147 -7.08 -16.17 -14.86
C GLU A 147 -8.41 -15.45 -14.96
N GLY A 148 -9.41 -15.92 -14.22
CA GLY A 148 -10.74 -15.32 -14.30
C GLY A 148 -10.72 -13.86 -13.92
N TRP A 149 -10.02 -13.53 -12.82
CA TRP A 149 -9.98 -12.15 -12.39
C TRP A 149 -9.32 -11.26 -13.45
N ARG A 150 -8.23 -11.73 -14.05
CA ARG A 150 -7.56 -10.94 -15.08
C ARG A 150 -8.43 -10.84 -16.33
N ASP A 151 -9.16 -11.91 -16.66
CA ASP A 151 -10.03 -11.86 -17.84
C ASP A 151 -11.15 -10.84 -17.68
N LYS A 152 -11.69 -10.71 -16.47
CA LYS A 152 -12.86 -9.88 -16.25
C LYS A 152 -12.52 -8.47 -15.79
N ALA A 153 -11.53 -8.33 -14.91
CA ALA A 153 -11.12 -7.01 -14.45
C ALA A 153 -10.08 -6.38 -15.37
N GLY A 154 -8.96 -7.09 -15.58
CA GLY A 154 -7.86 -6.50 -16.34
C GLY A 154 -8.24 -6.18 -17.78
N ARG A 155 -8.80 -7.16 -18.48
CA ARG A 155 -9.12 -6.95 -19.89
C ARG A 155 -10.11 -5.80 -20.08
N ALA A 156 -11.01 -5.59 -19.13
CA ALA A 156 -12.00 -4.53 -19.25
C ALA A 156 -11.46 -3.14 -18.95
N ILE A 157 -10.30 -3.05 -18.28
CA ILE A 157 -9.68 -1.75 -18.05
C ILE A 157 -8.89 -1.28 -19.27
N LEU A 158 -8.46 -2.21 -20.14
CA LEU A 158 -7.57 -1.84 -21.23
C LEU A 158 -8.17 -0.77 -22.14
N GLN A 159 -9.49 -0.81 -22.36
CA GLN A 159 -10.06 0.14 -23.30
C GLN A 159 -9.89 1.58 -22.85
N PHE A 160 -9.70 1.80 -21.54
CA PHE A 160 -9.58 3.15 -20.99
C PHE A 160 -8.14 3.63 -20.83
N TYR A 161 -7.16 2.73 -20.80
CA TYR A 161 -5.88 3.12 -20.22
C TYR A 161 -5.08 4.03 -21.15
N PRO A 162 -5.02 3.78 -22.45
CA PRO A 162 -4.26 4.70 -23.32
C PRO A 162 -4.74 6.14 -23.21
N LYS A 163 -6.05 6.36 -23.12
CA LYS A 163 -6.56 7.72 -23.00
C LYS A 163 -6.27 8.32 -21.64
N TYR A 164 -6.35 7.49 -20.59
CA TYR A 164 -5.95 7.94 -19.26
C TYR A 164 -4.50 8.42 -19.27
N VAL A 165 -3.60 7.65 -19.89
CA VAL A 165 -2.19 8.01 -19.92
C VAL A 165 -1.98 9.33 -20.64
N GLU A 166 -2.66 9.51 -21.78
CA GLU A 166 -2.51 10.74 -22.54
C GLU A 166 -2.96 11.95 -21.74
N LEU A 167 -4.06 11.81 -20.99
CA LEU A 167 -4.60 12.95 -20.26
C LEU A 167 -3.82 13.26 -19.00
N ILE A 168 -3.40 12.23 -18.26
CA ILE A 168 -2.63 12.50 -17.05
C ILE A 168 -1.26 13.06 -17.40
N ASN A 169 -0.66 12.62 -18.52
CA ASN A 169 0.60 13.23 -18.96
C ASN A 169 0.38 14.65 -19.45
N GLN A 170 -0.70 14.91 -20.17
CA GLN A 170 -0.99 16.27 -20.62
C GLN A 170 -1.10 17.22 -19.44
N ALA A 171 -1.85 16.82 -18.40
CA ALA A 171 -1.92 17.62 -17.18
C ALA A 171 -0.55 17.86 -16.59
N ALA A 172 0.28 16.82 -16.52
CA ALA A 172 1.61 16.97 -15.93
C ALA A 172 2.45 17.97 -16.72
N ARG A 173 2.43 17.87 -18.05
CA ARG A 173 3.20 18.83 -18.86
C ARG A 173 2.69 20.25 -18.65
N LEU A 174 1.37 20.42 -18.56
CA LEU A 174 0.82 21.74 -18.32
C LEU A 174 1.18 22.30 -16.94
N ASN A 175 1.67 21.46 -16.04
CA ASN A 175 2.14 21.94 -14.74
C ASN A 175 3.65 21.93 -14.60
N GLY A 176 4.38 21.81 -15.72
CA GLY A 176 5.81 21.98 -15.74
C GLY A 176 6.65 20.71 -15.66
N TYR A 177 6.03 19.54 -15.65
CA TYR A 177 6.70 18.24 -15.58
C TYR A 177 6.81 17.66 -16.99
N VAL A 178 7.66 16.64 -17.15
CA VAL A 178 7.79 16.07 -18.48
C VAL A 178 6.75 14.98 -18.73
N ASP A 179 6.23 14.35 -17.69
CA ASP A 179 5.17 13.35 -17.80
C ASP A 179 4.66 13.09 -16.38
N ALA A 180 3.62 12.25 -16.28
CA ALA A 180 2.97 12.06 -14.99
C ALA A 180 3.88 11.37 -13.98
N GLY A 181 4.77 10.48 -14.43
CA GLY A 181 5.66 9.81 -13.50
C GLY A 181 6.68 10.76 -12.91
N ASP A 182 7.19 11.69 -13.71
CA ASP A 182 8.00 12.79 -13.20
C ASP A 182 7.27 13.53 -12.10
N SER A 183 5.99 13.86 -12.33
N SER A 183 5.98 13.84 -12.31
CA SER A 183 5.21 14.55 -11.32
CA SER A 183 5.24 14.58 -11.30
C SER A 183 5.11 13.74 -10.03
C SER A 183 5.02 13.75 -10.04
N TRP A 184 4.84 12.44 -10.16
CA TRP A 184 4.70 11.60 -8.98
C TRP A 184 6.00 11.52 -8.19
N ARG A 185 7.12 11.28 -8.89
CA ARG A 185 8.40 11.17 -8.19
C ARG A 185 8.76 12.46 -7.45
N SER A 186 8.34 13.60 -7.98
CA SER A 186 8.72 14.88 -7.38
C SER A 186 8.12 15.05 -5.98
N MET A 187 7.10 14.27 -5.64
CA MET A 187 6.48 14.38 -4.32
C MET A 187 7.44 14.02 -3.20
N TYR A 188 8.52 13.29 -3.50
CA TYR A 188 9.53 12.95 -2.52
C TYR A 188 10.61 14.00 -2.40
N GLU A 189 10.66 14.96 -3.32
CA GLU A 189 11.60 16.07 -3.24
C GLU A 189 13.03 15.56 -3.06
N THR A 190 13.37 14.48 -3.77
CA THR A 190 14.65 13.81 -3.62
C THR A 190 15.23 13.53 -5.00
N PRO A 191 16.15 14.38 -5.48
CA PRO A 191 16.66 14.18 -6.85
C PRO A 191 17.26 12.81 -7.09
N SER A 192 17.81 12.18 -6.05
CA SER A 192 18.45 10.87 -6.17
C SER A 192 17.49 9.71 -5.95
N LEU A 193 16.18 9.96 -6.08
CA LEU A 193 15.19 8.97 -5.67
C LEU A 193 15.39 7.63 -6.37
N GLU A 194 15.52 7.64 -7.70
CA GLU A 194 15.59 6.36 -8.40
C GLU A 194 16.83 5.58 -7.98
N GLN A 195 17.97 6.25 -7.83
CA GLN A 195 19.18 5.54 -7.43
C GLN A 195 19.07 5.03 -6.00
N ASP A 196 18.48 5.84 -5.11
CA ASP A 196 18.35 5.44 -3.72
C ASP A 196 17.49 4.19 -3.59
N LEU A 197 16.37 4.15 -4.32
CA LEU A 197 15.48 3.00 -4.24
C LEU A 197 16.13 1.75 -4.81
N GLU A 198 16.89 1.89 -5.90
CA GLU A 198 17.60 0.74 -6.47
C GLU A 198 18.63 0.19 -5.50
N ARG A 199 19.34 1.08 -4.80
CA ARG A 199 20.32 0.62 -3.81
C ARG A 199 19.64 -0.15 -2.68
N LEU A 200 18.49 0.34 -2.22
CA LEU A 200 17.73 -0.37 -1.18
C LEU A 200 17.25 -1.71 -1.70
N PHE A 201 16.70 -1.75 -2.91
CA PHE A 201 16.24 -3.01 -3.47
C PHE A 201 17.38 -4.03 -3.51
N GLN A 202 18.56 -3.62 -3.93
CA GLN A 202 19.69 -4.55 -4.02
C GLN A 202 20.11 -5.05 -2.65
N GLU A 203 19.98 -4.23 -1.61
CA GLU A 203 20.37 -4.67 -0.28
C GLU A 203 19.48 -5.80 0.22
N LEU A 204 18.23 -5.86 -0.24
CA LEU A 204 17.29 -6.88 0.20
C LEU A 204 17.30 -8.12 -0.69
N GLN A 205 18.21 -8.17 -1.67
CA GLN A 205 18.23 -9.32 -2.58
C GLN A 205 18.66 -10.60 -1.89
N PRO A 206 19.70 -10.61 -1.05
CA PRO A 206 20.03 -11.85 -0.32
C PRO A 206 18.82 -12.45 0.39
N LEU A 207 18.06 -11.64 1.12
CA LEU A 207 16.90 -12.18 1.82
C LEU A 207 15.85 -12.66 0.84
N TYR A 208 15.51 -11.85 -0.16
CA TYR A 208 14.43 -12.26 -1.06
C TYR A 208 14.81 -13.50 -1.86
N LEU A 209 16.02 -13.54 -2.40
CA LEU A 209 16.42 -14.70 -3.18
C LEU A 209 16.41 -15.97 -2.35
N ASN A 210 16.81 -15.88 -1.07
CA ASN A 210 16.82 -17.07 -0.24
C ASN A 210 15.41 -17.48 0.15
N LEU A 211 14.53 -16.51 0.41
CA LEU A 211 13.14 -16.84 0.70
C LEU A 211 12.47 -17.46 -0.51
N HIS A 212 12.68 -16.87 -1.68
CA HIS A 212 12.10 -17.35 -2.92
C HIS A 212 12.52 -18.79 -3.20
N ALA A 213 13.80 -19.12 -3.02
CA ALA A 213 14.26 -20.47 -3.31
C ALA A 213 13.69 -21.47 -2.31
N TYR A 214 13.56 -21.05 -1.06
CA TYR A 214 12.99 -21.92 -0.03
C TYR A 214 11.52 -22.20 -0.30
N VAL A 215 10.77 -21.15 -0.67
CA VAL A 215 9.35 -21.33 -0.98
C VAL A 215 9.19 -22.17 -2.24
N ARG A 216 10.03 -21.95 -3.25
CA ARG A 216 9.94 -22.72 -4.48
C ARG A 216 10.10 -24.21 -4.21
N ARG A 217 11.04 -24.58 -3.34
CA ARG A 217 11.21 -25.98 -2.99
C ARG A 217 9.98 -26.54 -2.29
N ALA A 218 9.38 -25.76 -1.39
CA ALA A 218 8.19 -26.24 -0.70
C ALA A 218 7.02 -26.39 -1.66
N LEU A 219 6.92 -25.50 -2.65
CA LEU A 219 5.87 -25.64 -3.67
C LEU A 219 6.11 -26.87 -4.53
N HIS A 220 7.38 -27.14 -4.86
CA HIS A 220 7.77 -28.36 -5.59
C HIS A 220 7.30 -29.60 -4.84
N ARG A 221 7.43 -29.60 -3.51
CA ARG A 221 6.98 -30.71 -2.69
C ARG A 221 5.48 -30.90 -2.78
N HIS A 222 4.72 -29.79 -2.77
CA HIS A 222 3.26 -29.92 -2.71
C HIS A 222 2.66 -30.09 -4.11
N TYR A 223 3.06 -29.25 -5.07
CA TYR A 223 2.37 -29.22 -6.36
C TYR A 223 3.00 -30.12 -7.43
N GLY A 224 4.16 -30.68 -7.16
CA GLY A 224 4.71 -31.70 -8.02
C GLY A 224 5.88 -31.20 -8.86
N ALA A 225 6.83 -32.11 -9.10
CA ALA A 225 8.03 -31.78 -9.87
C ALA A 225 7.72 -31.38 -11.30
N GLN A 226 6.60 -31.87 -11.85
CA GLN A 226 6.23 -31.52 -13.22
C GLN A 226 5.73 -30.09 -13.33
N HIS A 227 5.45 -29.43 -12.21
CA HIS A 227 4.86 -28.10 -12.24
C HIS A 227 5.72 -27.02 -11.60
N ILE A 228 6.85 -27.39 -11.00
CA ILE A 228 7.77 -26.42 -10.40
C ILE A 228 9.17 -26.72 -10.93
N ASN A 229 9.78 -25.72 -11.56
CA ASN A 229 11.18 -25.81 -11.99
C ASN A 229 12.06 -25.24 -10.89
N LEU A 230 12.92 -26.09 -10.32
CA LEU A 230 13.71 -25.66 -9.17
C LEU A 230 14.80 -24.66 -9.52
N GLU A 231 14.97 -24.35 -10.81
CA GLU A 231 15.91 -23.31 -11.24
C GLU A 231 15.20 -22.20 -12.00
N GLY A 232 13.87 -22.15 -11.95
CA GLY A 232 13.12 -21.19 -12.71
C GLY A 232 12.23 -20.31 -11.85
N PRO A 233 11.44 -19.48 -12.50
CA PRO A 233 10.46 -18.65 -11.79
C PRO A 233 9.28 -19.46 -11.28
N ILE A 234 8.63 -18.92 -10.26
CA ILE A 234 7.50 -19.57 -9.58
C ILE A 234 6.20 -19.19 -10.28
N PRO A 235 5.31 -20.13 -10.58
CA PRO A 235 4.01 -19.74 -11.16
C PRO A 235 3.25 -18.82 -10.22
N ALA A 236 2.70 -17.74 -10.80
CA ALA A 236 2.26 -16.58 -10.03
C ALA A 236 0.97 -16.79 -9.26
N HIS A 237 0.28 -17.92 -9.44
CA HIS A 237 -1.00 -18.15 -8.77
C HIS A 237 -0.88 -19.02 -7.53
N LEU A 238 0.33 -19.37 -7.10
CA LEU A 238 0.52 -20.36 -6.04
C LEU A 238 0.96 -19.76 -4.72
N LEU A 239 0.94 -18.44 -4.58
CA LEU A 239 1.53 -17.79 -3.41
C LEU A 239 0.49 -17.35 -2.39
N GLY A 240 -0.78 -17.72 -2.55
CA GLY A 240 -1.81 -17.43 -1.58
C GLY A 240 -2.49 -16.09 -1.71
N ASN A 241 -2.13 -15.31 -2.73
CA ASN A 241 -2.56 -13.93 -2.87
C ASN A 241 -2.77 -13.66 -4.36
N MET A 242 -3.82 -12.91 -4.68
CA MET A 242 -4.19 -12.71 -6.08
C MET A 242 -3.04 -12.15 -6.90
N TRP A 243 -2.18 -11.32 -6.31
CA TRP A 243 -1.09 -10.67 -7.04
C TRP A 243 0.27 -11.19 -6.62
N ALA A 244 0.32 -12.25 -5.81
CA ALA A 244 1.57 -12.78 -5.28
C ALA A 244 2.41 -11.68 -4.65
N GLN A 245 1.77 -10.68 -4.04
CA GLN A 245 2.48 -9.57 -3.42
C GLN A 245 2.80 -9.81 -1.95
N THR A 246 2.06 -10.69 -1.29
N THR A 246 2.05 -10.68 -1.29
CA THR A 246 2.37 -11.17 0.04
CA THR A 246 2.32 -11.17 0.05
C THR A 246 2.07 -12.66 0.04
C THR A 246 2.08 -12.67 0.02
N TRP A 247 2.93 -13.43 0.71
CA TRP A 247 2.88 -14.88 0.63
C TRP A 247 2.44 -15.54 1.94
N SER A 248 1.97 -14.77 2.92
CA SER A 248 1.76 -15.32 4.25
C SER A 248 0.68 -16.40 4.27
N ASN A 249 -0.22 -16.43 3.28
CA ASN A 249 -1.30 -17.40 3.33
C ASN A 249 -0.84 -18.81 2.98
N ILE A 250 0.37 -19.00 2.45
CA ILE A 250 0.92 -20.33 2.25
C ILE A 250 1.91 -20.71 3.37
N TYR A 251 1.82 -20.05 4.53
CA TYR A 251 2.65 -20.45 5.67
C TYR A 251 2.56 -21.94 5.94
N ASP A 252 1.35 -22.50 5.84
CA ASP A 252 1.13 -23.92 6.15
C ASP A 252 1.96 -24.82 5.25
N LEU A 253 2.32 -24.35 4.06
CA LEU A 253 3.12 -25.16 3.14
C LEU A 253 4.61 -25.02 3.38
N VAL A 254 5.06 -24.00 4.12
CA VAL A 254 6.48 -23.70 4.20
C VAL A 254 6.99 -23.55 5.62
N VAL A 255 6.20 -23.99 6.59
N VAL A 255 6.20 -23.96 6.60
CA VAL A 255 6.54 -23.86 8.01
CA VAL A 255 6.55 -23.77 8.01
C VAL A 255 7.95 -24.37 8.25
C VAL A 255 7.92 -24.36 8.29
N PRO A 256 8.86 -23.56 8.82
CA PRO A 256 10.21 -24.09 9.07
C PRO A 256 10.26 -25.25 10.06
N PHE A 257 9.56 -25.15 11.19
CA PHE A 257 9.56 -26.19 12.22
C PHE A 257 8.13 -26.65 12.45
N PRO A 258 7.64 -27.60 11.65
CA PRO A 258 6.27 -28.11 11.84
C PRO A 258 6.02 -28.71 13.21
N SER A 259 7.05 -29.07 13.95
CA SER A 259 6.87 -29.57 15.31
C SER A 259 6.54 -28.46 16.30
N ALA A 260 6.55 -27.20 15.85
CA ALA A 260 6.21 -26.05 16.67
C ALA A 260 4.96 -25.41 16.08
N PRO A 261 3.81 -26.06 16.21
CA PRO A 261 2.58 -25.54 15.60
C PRO A 261 2.08 -24.29 16.30
N SER A 262 1.40 -23.45 15.52
CA SER A 262 0.84 -22.18 15.99
C SER A 262 -0.67 -22.22 15.87
N MET A 263 -1.33 -21.53 16.80
CA MET A 263 -2.79 -21.52 16.81
C MET A 263 -3.35 -20.92 15.53
N ASP A 264 -4.51 -21.42 15.12
CA ASP A 264 -5.28 -20.84 14.02
C ASP A 264 -5.86 -19.52 14.49
N THR A 265 -5.29 -18.42 14.00
CA THR A 265 -5.63 -17.10 14.51
C THR A 265 -6.98 -16.62 13.99
N THR A 266 -7.36 -16.98 12.77
CA THR A 266 -8.69 -16.65 12.28
C THR A 266 -9.75 -17.37 13.11
N GLU A 267 -9.61 -18.68 13.28
CA GLU A 267 -10.56 -19.42 14.10
C GLU A 267 -10.55 -18.93 15.54
N ALA A 268 -9.40 -18.46 16.01
CA ALA A 268 -9.35 -17.88 17.35
C ALA A 268 -10.14 -16.57 17.41
N MET A 269 -9.93 -15.70 16.44
CA MET A 269 -10.70 -14.45 16.40
C MET A 269 -12.20 -14.73 16.29
N LEU A 270 -12.57 -15.67 15.42
CA LEU A 270 -14.00 -15.95 15.24
C LEU A 270 -14.59 -16.64 16.47
N LYS A 271 -13.87 -17.63 17.01
CA LYS A 271 -14.38 -18.32 18.19
C LYS A 271 -14.58 -17.36 19.37
N GLN A 272 -13.79 -16.30 19.44
CA GLN A 272 -13.87 -15.33 20.53
C GLN A 272 -14.69 -14.10 20.15
N GLY A 273 -15.50 -14.22 19.11
CA GLY A 273 -16.47 -13.17 18.79
C GLY A 273 -15.87 -11.83 18.46
N TRP A 274 -14.68 -11.80 17.86
CA TRP A 274 -14.16 -10.55 17.33
C TRP A 274 -15.05 -10.07 16.20
N THR A 275 -15.13 -8.75 16.06
CA THR A 275 -15.91 -8.07 15.03
C THR A 275 -15.03 -7.02 14.39
N PRO A 276 -15.43 -6.48 13.24
CA PRO A 276 -14.68 -5.35 12.69
C PRO A 276 -14.54 -4.18 13.66
N ARG A 277 -15.59 -3.87 14.42
CA ARG A 277 -15.49 -2.76 15.37
C ARG A 277 -14.45 -3.06 16.46
N ARG A 278 -14.43 -4.29 16.96
CA ARG A 278 -13.42 -4.66 17.96
C ARG A 278 -12.02 -4.45 17.39
N MET A 279 -11.82 -4.81 16.12
CA MET A 279 -10.50 -4.71 15.52
C MET A 279 -10.02 -3.26 15.48
N PHE A 280 -10.90 -2.33 15.09
CA PHE A 280 -10.52 -0.92 15.09
C PHE A 280 -10.41 -0.36 16.50
N LYS A 281 -11.21 -0.86 17.45
CA LYS A 281 -11.07 -0.43 18.83
C LYS A 281 -9.74 -0.86 19.42
N GLU A 282 -9.26 -2.06 19.08
CA GLU A 282 -7.93 -2.46 19.56
C GLU A 282 -6.86 -1.58 18.95
N ALA A 283 -7.02 -1.18 17.70
CA ALA A 283 -6.04 -0.28 17.08
C ALA A 283 -6.04 1.07 17.79
N ASP A 284 -7.23 1.63 18.04
CA ASP A 284 -7.33 2.88 18.78
C ASP A 284 -6.62 2.79 20.12
N ASP A 285 -6.79 1.68 20.84
CA ASP A 285 -6.16 1.54 22.15
C ASP A 285 -4.65 1.47 22.05
N PHE A 286 -4.12 0.85 20.99
CA PHE A 286 -2.67 0.85 20.82
C PHE A 286 -2.16 2.27 20.66
N PHE A 287 -2.78 3.05 19.78
CA PHE A 287 -2.34 4.43 19.58
C PHE A 287 -2.39 5.22 20.89
N THR A 288 -3.50 5.12 21.64
CA THR A 288 -3.59 5.91 22.86
C THR A 288 -2.67 5.37 23.97
N SER A 289 -2.30 4.09 23.93
CA SER A 289 -1.32 3.59 24.89
C SER A 289 0.04 4.28 24.68
N LEU A 290 0.32 4.75 23.48
CA LEU A 290 1.56 5.48 23.23
C LEU A 290 1.45 6.94 23.62
N GLY A 291 0.31 7.38 24.15
CA GLY A 291 0.06 8.78 24.35
C GLY A 291 -0.42 9.51 23.12
N LEU A 292 -0.66 8.82 22.02
CA LEU A 292 -1.16 9.46 20.82
C LEU A 292 -2.66 9.72 20.96
N LEU A 293 -3.25 10.32 19.94
CA LEU A 293 -4.60 10.86 20.07
C LEU A 293 -5.65 9.78 19.82
N PRO A 294 -6.78 9.79 20.53
CA PRO A 294 -7.88 8.91 20.17
C PRO A 294 -8.67 9.47 18.99
N VAL A 295 -9.26 8.57 18.20
CA VAL A 295 -10.13 9.01 17.11
C VAL A 295 -11.38 9.63 17.74
N PRO A 296 -11.98 10.65 17.12
CA PRO A 296 -13.12 11.33 17.76
C PRO A 296 -14.37 10.47 17.72
N PRO A 297 -15.35 10.76 18.59
CA PRO A 297 -16.62 10.01 18.52
C PRO A 297 -17.25 9.99 17.14
N GLU A 298 -17.14 11.09 16.39
CA GLU A 298 -17.72 11.15 15.06
C GLU A 298 -17.17 10.03 14.17
N PHE A 299 -15.90 9.68 14.34
CA PHE A 299 -15.30 8.60 13.56
C PHE A 299 -16.14 7.33 13.64
N TRP A 300 -16.59 6.97 14.84
CA TRP A 300 -17.30 5.69 15.01
C TRP A 300 -18.69 5.73 14.42
N GLN A 301 -19.28 6.91 14.28
CA GLN A 301 -20.64 7.02 13.75
C GLN A 301 -20.68 7.08 12.23
N LYS A 302 -19.62 7.58 11.60
CA LYS A 302 -19.63 7.85 10.16
C LYS A 302 -18.79 6.90 9.32
N SER A 303 -17.92 6.10 9.92
CA SER A 303 -17.07 5.23 9.12
C SER A 303 -17.84 4.02 8.59
N MET A 304 -17.30 3.42 7.53
CA MET A 304 -17.84 2.17 6.96
C MET A 304 -16.80 1.08 7.22
N LEU A 305 -16.99 0.33 8.30
CA LEU A 305 -16.00 -0.63 8.76
C LEU A 305 -16.32 -2.06 8.32
N GLU A 306 -17.36 -2.27 7.53
CA GLU A 306 -17.61 -3.58 6.92
C GLU A 306 -18.42 -3.38 5.65
N LYS A 307 -18.43 -4.42 4.81
CA LYS A 307 -19.16 -4.40 3.56
C LYS A 307 -20.66 -4.28 3.82
N PRO A 308 -21.38 -3.43 3.08
CA PRO A 308 -22.81 -3.26 3.35
C PRO A 308 -23.58 -4.55 3.10
N THR A 309 -24.58 -4.79 3.95
CA THR A 309 -25.44 -5.96 3.84
C THR A 309 -26.52 -5.79 2.79
N ASP A 310 -26.89 -4.55 2.48
CA ASP A 310 -28.04 -4.27 1.62
C ASP A 310 -27.75 -4.48 0.13
N GLY A 311 -26.57 -4.98 -0.23
CA GLY A 311 -26.24 -5.24 -1.61
C GLY A 311 -25.58 -4.09 -2.34
N ARG A 312 -25.56 -2.90 -1.76
CA ARG A 312 -24.90 -1.75 -2.37
C ARG A 312 -23.56 -2.13 -2.98
N GLU A 313 -23.32 -1.65 -4.20
CA GLU A 313 -21.96 -1.68 -4.74
C GLU A 313 -21.14 -0.61 -4.04
N VAL A 314 -19.93 -0.96 -3.63
CA VAL A 314 -19.01 -0.03 -2.98
C VAL A 314 -17.61 -0.28 -3.53
N VAL A 315 -16.74 0.69 -3.31
CA VAL A 315 -15.30 0.47 -3.42
C VAL A 315 -14.88 -0.20 -2.11
N CYS A 316 -14.49 -1.47 -2.17
CA CYS A 316 -14.15 -2.18 -0.95
C CYS A 316 -12.73 -1.94 -0.50
N HIS A 317 -11.85 -1.44 -1.36
CA HIS A 317 -10.45 -1.32 -0.98
C HIS A 317 -10.31 -0.37 0.21
N ALA A 318 -9.56 -0.81 1.22
CA ALA A 318 -9.42 -0.06 2.46
C ALA A 318 -8.79 1.31 2.18
N SER A 319 -9.32 2.34 2.85
CA SER A 319 -8.80 3.69 2.70
C SER A 319 -9.25 4.56 3.87
N ALA A 320 -8.53 5.67 4.05
CA ALA A 320 -8.76 6.62 5.13
C ALA A 320 -9.04 7.99 4.55
N TRP A 321 -9.90 8.76 5.23
CA TRP A 321 -10.51 9.95 4.64
C TRP A 321 -10.39 11.14 5.59
N ASP A 322 -9.76 12.20 5.11
CA ASP A 322 -9.68 13.49 5.80
C ASP A 322 -10.68 14.42 5.10
N PHE A 323 -11.61 14.97 5.87
CA PHE A 323 -12.63 15.86 5.32
C PHE A 323 -12.26 17.34 5.49
N TYR A 324 -11.03 17.62 5.92
CA TYR A 324 -10.44 18.95 5.85
C TYR A 324 -11.23 19.99 6.64
N ASN A 325 -11.76 19.57 7.80
CA ASN A 325 -12.34 20.51 8.74
C ASN A 325 -11.79 20.30 10.16
N GLY A 326 -10.79 19.44 10.33
CA GLY A 326 -10.17 19.23 11.62
C GLY A 326 -10.98 18.40 12.60
N LYS A 327 -12.11 17.84 12.17
CA LYS A 327 -13.02 17.17 13.07
C LYS A 327 -13.51 15.82 12.54
N ASP A 328 -13.63 15.71 11.22
CA ASP A 328 -14.30 14.60 10.57
C ASP A 328 -13.25 13.74 9.86
N PHE A 329 -12.99 12.55 10.40
CA PHE A 329 -12.06 11.60 9.84
C PHE A 329 -12.76 10.24 9.79
N ARG A 330 -12.53 9.48 8.72
CA ARG A 330 -13.26 8.23 8.56
C ARG A 330 -12.43 7.18 7.85
N ILE A 331 -12.77 5.92 8.09
CA ILE A 331 -12.18 4.79 7.39
C ILE A 331 -13.28 4.09 6.60
N LYS A 332 -12.92 3.64 5.39
CA LYS A 332 -13.80 2.84 4.53
C LYS A 332 -13.07 1.52 4.28
N GLN A 333 -13.62 0.43 4.79
CA GLN A 333 -12.98 -0.88 4.69
C GLN A 333 -14.06 -1.96 4.73
N CYS A 334 -14.00 -2.90 3.78
CA CYS A 334 -14.86 -4.08 3.80
C CYS A 334 -14.19 -5.15 4.67
N THR A 335 -14.17 -4.88 5.97
CA THR A 335 -13.32 -5.63 6.89
C THR A 335 -13.81 -7.06 7.04
N THR A 336 -12.86 -8.00 7.01
CA THR A 336 -13.09 -9.40 7.33
C THR A 336 -12.36 -9.73 8.63
N VAL A 337 -12.96 -10.62 9.42
CA VAL A 337 -12.38 -10.94 10.73
C VAL A 337 -11.26 -11.96 10.52
N ASN A 338 -10.04 -11.48 10.32
CA ASN A 338 -8.86 -12.32 10.31
C ASN A 338 -7.66 -11.43 10.66
N LEU A 339 -6.51 -12.07 10.81
CA LEU A 339 -5.31 -11.34 11.22
C LEU A 339 -4.82 -10.40 10.13
N GLU A 340 -4.91 -10.82 8.87
CA GLU A 340 -4.50 -9.97 7.75
C GLU A 340 -5.25 -8.64 7.79
N ASP A 341 -6.57 -8.68 7.98
CA ASP A 341 -7.35 -7.45 8.05
C ASP A 341 -7.16 -6.72 9.37
N LEU A 342 -6.70 -7.40 10.42
CA LEU A 342 -6.35 -6.67 11.64
C LEU A 342 -5.16 -5.75 11.38
N VAL A 343 -4.19 -6.22 10.59
CA VAL A 343 -3.06 -5.37 10.21
C VAL A 343 -3.53 -4.21 9.35
N VAL A 344 -4.40 -4.48 8.37
CA VAL A 344 -4.92 -3.41 7.53
C VAL A 344 -5.62 -2.36 8.39
N ALA A 345 -6.40 -2.80 9.38
CA ALA A 345 -7.08 -1.84 10.25
C ALA A 345 -6.08 -0.91 10.93
N HIS A 346 -4.95 -1.46 11.41
CA HIS A 346 -3.93 -0.60 12.00
C HIS A 346 -3.32 0.33 10.97
N HIS A 347 -3.06 -0.18 9.77
CA HIS A 347 -2.57 0.65 8.68
C HIS A 347 -3.45 1.88 8.49
N GLU A 348 -4.76 1.66 8.37
CA GLU A 348 -5.68 2.77 8.13
C GLU A 348 -5.78 3.69 9.34
N MET A 349 -5.71 3.13 10.56
CA MET A 349 -5.78 3.97 11.74
C MET A 349 -4.54 4.84 11.86
N GLY A 350 -3.43 4.41 11.29
CA GLY A 350 -2.25 5.27 11.24
C GLY A 350 -2.46 6.49 10.37
N HIS A 351 -3.20 6.35 9.28
CA HIS A 351 -3.58 7.51 8.49
C HIS A 351 -4.39 8.48 9.31
N ILE A 352 -5.40 7.97 10.02
CA ILE A 352 -6.25 8.83 10.83
C ILE A 352 -5.40 9.57 11.85
N GLN A 353 -4.45 8.87 12.49
CA GLN A 353 -3.60 9.52 13.48
C GLN A 353 -2.81 10.66 12.85
N TYR A 354 -2.27 10.43 11.65
CA TYR A 354 -1.54 11.49 10.95
C TYR A 354 -2.45 12.68 10.65
N PHE A 355 -3.66 12.41 10.14
CA PHE A 355 -4.64 13.47 9.92
C PHE A 355 -4.82 14.32 11.18
N MET A 356 -5.00 13.66 12.33
CA MET A 356 -5.28 14.39 13.56
C MET A 356 -4.05 15.16 14.02
N GLN A 357 -2.86 14.63 13.78
CA GLN A 357 -1.64 15.28 14.27
C GLN A 357 -1.33 16.56 13.49
N TYR A 358 -1.58 16.59 12.18
CA TYR A 358 -1.26 17.79 11.41
C TYR A 358 -2.49 18.62 11.07
N LYS A 359 -3.61 18.42 11.78
CA LYS A 359 -4.84 19.10 11.41
C LYS A 359 -4.79 20.62 11.57
N ASP A 360 -3.81 21.16 12.31
CA ASP A 360 -3.73 22.60 12.53
C ASP A 360 -2.80 23.30 11.55
N LEU A 361 -2.18 22.56 10.62
CA LEU A 361 -1.37 23.18 9.59
C LEU A 361 -2.27 23.73 8.48
N PRO A 362 -1.79 24.70 7.71
CA PRO A 362 -2.51 25.08 6.49
C PRO A 362 -2.69 23.87 5.59
N VAL A 363 -3.83 23.81 4.90
CA VAL A 363 -4.23 22.58 4.23
C VAL A 363 -3.19 22.15 3.19
N ALA A 364 -2.52 23.12 2.55
CA ALA A 364 -1.51 22.76 1.56
C ALA A 364 -0.39 21.91 2.18
N LEU A 365 -0.22 21.97 3.49
CA LEU A 365 0.82 21.22 4.18
C LEU A 365 0.28 20.05 4.98
N ARG A 366 -1.01 19.73 4.83
CA ARG A 366 -1.63 18.60 5.54
C ARG A 366 -1.45 17.33 4.70
N GLU A 367 -0.20 16.87 4.67
CA GLU A 367 0.16 15.61 4.05
C GLU A 367 1.33 15.04 4.86
N GLY A 368 1.69 13.80 4.56
CA GLY A 368 2.85 13.21 5.21
C GLY A 368 4.14 13.84 4.75
N ALA A 369 5.21 13.62 5.52
CA ALA A 369 6.51 14.19 5.16
C ALA A 369 6.91 13.78 3.75
N ASN A 370 6.62 12.53 3.38
CA ASN A 370 6.49 12.12 2.00
C ASN A 370 5.45 11.02 1.97
N PRO A 371 5.00 10.60 0.80
CA PRO A 371 3.87 9.65 0.76
C PRO A 371 4.15 8.35 1.48
N GLY A 372 5.42 7.92 1.52
CA GLY A 372 5.74 6.69 2.23
C GLY A 372 5.56 6.81 3.73
N PHE A 373 5.87 7.99 4.29
CA PHE A 373 5.64 8.22 5.71
C PHE A 373 4.17 8.01 6.07
N HIS A 374 3.26 8.53 5.25
CA HIS A 374 1.84 8.39 5.56
C HIS A 374 1.45 6.93 5.62
N GLU A 375 1.99 6.11 4.72
CA GLU A 375 1.65 4.70 4.67
C GLU A 375 2.33 3.87 5.75
N ALA A 376 3.33 4.42 6.44
CA ALA A 376 4.13 3.61 7.34
C ALA A 376 3.65 3.62 8.79
N ILE A 377 2.93 4.66 9.21
CA ILE A 377 2.67 4.86 10.65
C ILE A 377 1.93 3.66 11.23
N GLY A 378 0.79 3.30 10.64
CA GLY A 378 0.03 2.19 11.18
C GLY A 378 0.78 0.89 11.13
N ASP A 379 1.55 0.68 10.05
CA ASP A 379 2.34 -0.54 9.90
C ASP A 379 3.35 -0.69 11.03
N VAL A 380 3.93 0.41 11.50
CA VAL A 380 4.90 0.33 12.60
C VAL A 380 4.24 -0.27 13.83
N LEU A 381 3.07 0.25 14.22
CA LEU A 381 2.40 -0.30 15.39
C LEU A 381 2.02 -1.75 15.17
N ALA A 382 1.62 -2.08 13.94
CA ALA A 382 1.23 -3.45 13.63
C ALA A 382 2.38 -4.43 13.77
N LEU A 383 3.62 -3.96 13.59
CA LEU A 383 4.77 -4.84 13.85
C LEU A 383 4.75 -5.34 15.29
N SER A 384 4.43 -4.45 16.24
CA SER A 384 4.36 -4.88 17.64
C SER A 384 3.13 -5.75 17.89
N VAL A 385 2.00 -5.44 17.24
CA VAL A 385 0.79 -6.22 17.44
C VAL A 385 0.99 -7.66 17.00
N SER A 386 1.79 -7.84 15.94
CA SER A 386 2.00 -9.14 15.33
C SER A 386 2.96 -10.03 16.12
N THR A 387 3.64 -9.50 17.14
CA THR A 387 4.57 -10.35 17.86
C THR A 387 3.80 -11.45 18.60
N PRO A 388 4.38 -12.65 18.72
CA PRO A 388 3.70 -13.70 19.50
C PRO A 388 3.32 -13.24 20.89
N LYS A 389 4.14 -12.40 21.52
CA LYS A 389 3.83 -11.98 22.88
C LYS A 389 2.55 -11.14 22.91
N HIS A 390 2.38 -10.23 21.95
CA HIS A 390 1.18 -9.41 21.95
C HIS A 390 -0.06 -10.23 21.55
N LEU A 391 0.07 -11.07 20.52
CA LEU A 391 -1.06 -11.88 20.08
C LEU A 391 -1.54 -12.81 21.19
N HIS A 392 -0.60 -13.33 21.98
CA HIS A 392 -1.00 -14.13 23.13
C HIS A 392 -1.76 -13.29 24.15
N SER A 393 -1.35 -12.03 24.35
CA SER A 393 -2.08 -11.17 25.28
C SER A 393 -3.50 -10.89 24.79
N LEU A 394 -3.75 -11.05 23.48
CA LEU A 394 -5.09 -10.92 22.92
C LEU A 394 -5.83 -12.25 22.87
N ASN A 395 -5.20 -13.34 23.35
CA ASN A 395 -5.77 -14.69 23.37
C ASN A 395 -5.94 -15.25 21.96
N LEU A 396 -5.06 -14.87 21.04
CA LEU A 396 -5.07 -15.36 19.66
C LEU A 396 -3.91 -16.30 19.36
N LEU A 397 -2.99 -16.49 20.30
CA LEU A 397 -1.92 -17.46 20.17
C LEU A 397 -1.66 -18.06 21.55
N SER A 398 -1.13 -19.27 21.57
CA SER A 398 -0.63 -19.82 22.82
C SER A 398 0.75 -19.24 23.12
N SER A 399 1.20 -19.42 24.35
CA SER A 399 2.55 -18.99 24.73
C SER A 399 3.60 -19.68 23.87
N GLU A 400 4.25 -18.91 23.00
CA GLU A 400 5.27 -19.43 22.10
C GLU A 400 6.67 -18.97 22.49
N GLY A 401 6.84 -18.45 23.70
CA GLY A 401 8.10 -17.86 24.08
C GLY A 401 9.16 -18.88 24.43
N GLY A 402 10.41 -18.42 24.35
CA GLY A 402 11.53 -19.24 24.77
C GLY A 402 11.76 -20.48 23.93
N SER A 403 11.29 -20.49 22.69
CA SER A 403 11.51 -21.60 21.77
C SER A 403 12.16 -21.06 20.51
N ASP A 404 13.35 -21.57 20.18
N ASP A 404 13.35 -21.57 20.19
CA ASP A 404 13.98 -21.16 18.94
CA ASP A 404 14.01 -21.20 18.95
C ASP A 404 13.18 -21.60 17.72
C ASP A 404 13.16 -21.58 17.74
N GLU A 405 12.49 -22.74 17.81
CA GLU A 405 11.67 -23.18 16.68
C GLU A 405 10.50 -22.22 16.44
N HIS A 406 9.79 -21.84 17.52
CA HIS A 406 8.72 -20.86 17.37
C HIS A 406 9.26 -19.52 16.87
N ASP A 407 10.49 -19.18 17.27
CA ASP A 407 11.09 -17.92 16.86
C ASP A 407 11.30 -17.87 15.36
N ILE A 408 11.91 -18.93 14.80
CA ILE A 408 12.15 -18.97 13.36
C ILE A 408 10.83 -19.05 12.61
N ASN A 409 9.85 -19.78 13.16
CA ASN A 409 8.54 -19.84 12.52
C ASN A 409 7.90 -18.45 12.42
N PHE A 410 8.00 -17.66 13.50
CA PHE A 410 7.44 -16.32 13.47
C PHE A 410 8.16 -15.43 12.46
N LEU A 411 9.49 -15.50 12.44
CA LEU A 411 10.22 -14.70 11.46
C LEU A 411 9.82 -15.07 10.03
N MET A 412 9.59 -16.36 9.78
CA MET A 412 9.16 -16.78 8.45
C MET A 412 7.79 -16.19 8.12
N LYS A 413 6.85 -16.26 9.06
CA LYS A 413 5.53 -15.67 8.82
C LYS A 413 5.66 -14.20 8.46
N MET A 414 6.51 -13.45 9.18
CA MET A 414 6.68 -12.04 8.89
C MET A 414 7.36 -11.85 7.53
N ALA A 415 8.33 -12.70 7.20
CA ALA A 415 9.04 -12.55 5.93
C ALA A 415 8.11 -12.76 4.75
N LEU A 416 7.17 -13.71 4.87
CA LEU A 416 6.26 -14.00 3.76
C LEU A 416 5.39 -12.80 3.41
N ASP A 417 5.13 -11.92 4.38
CA ASP A 417 4.42 -10.67 4.12
C ASP A 417 5.40 -9.56 3.73
N LYS A 418 6.40 -9.32 4.56
CA LYS A 418 7.20 -8.10 4.42
C LYS A 418 8.28 -8.23 3.35
N ILE A 419 9.04 -9.34 3.35
CA ILE A 419 10.13 -9.46 2.39
C ILE A 419 9.59 -9.74 1.00
N ALA A 420 8.58 -10.61 0.89
CA ALA A 420 8.05 -10.95 -0.43
C ALA A 420 7.47 -9.73 -1.11
N PHE A 421 6.96 -8.76 -0.34
CA PHE A 421 6.32 -7.60 -0.93
C PHE A 421 7.31 -6.60 -1.52
N ILE A 422 8.58 -6.66 -1.13
CA ILE A 422 9.54 -5.64 -1.55
C ILE A 422 9.65 -5.59 -3.07
N PRO A 423 9.95 -6.69 -3.76
CA PRO A 423 10.08 -6.61 -5.22
C PRO A 423 8.78 -6.27 -5.93
N PHE A 424 7.64 -6.72 -5.43
CA PHE A 424 6.37 -6.30 -6.04
C PHE A 424 6.19 -4.80 -5.91
N SER A 425 6.43 -4.26 -4.71
CA SER A 425 6.21 -2.84 -4.47
C SER A 425 7.17 -1.99 -5.31
N TYR A 426 8.32 -2.56 -5.65
CA TYR A 426 9.28 -1.88 -6.52
C TYR A 426 8.79 -1.83 -7.95
N LEU A 427 8.31 -2.96 -8.47
CA LEU A 427 8.12 -3.04 -9.91
C LEU A 427 6.86 -2.31 -10.38
N VAL A 428 5.85 -2.14 -9.54
CA VAL A 428 4.59 -1.59 -10.06
C VAL A 428 4.84 -0.25 -10.74
N ASP A 429 5.53 0.66 -10.06
CA ASP A 429 5.77 1.96 -10.65
C ASP A 429 7.01 1.99 -11.54
N GLN A 430 7.93 1.01 -11.45
CA GLN A 430 8.90 0.89 -12.53
C GLN A 430 8.16 0.72 -13.86
N TRP A 431 7.07 -0.04 -13.86
CA TRP A 431 6.26 -0.23 -15.06
C TRP A 431 5.51 1.06 -15.41
N ARG A 432 4.78 1.65 -14.46
CA ARG A 432 4.00 2.84 -14.78
C ARG A 432 4.87 4.03 -15.17
N TRP A 433 6.05 4.19 -14.56
CA TRP A 433 6.90 5.32 -14.95
C TRP A 433 7.28 5.21 -16.42
N ARG A 434 7.50 3.99 -16.91
CA ARG A 434 7.89 3.78 -18.29
C ARG A 434 6.70 3.86 -19.24
N VAL A 435 5.50 3.53 -18.76
CA VAL A 435 4.30 3.84 -19.52
C VAL A 435 4.17 5.36 -19.66
N PHE A 436 4.27 6.09 -18.55
CA PHE A 436 4.09 7.53 -18.59
C PHE A 436 5.13 8.21 -19.46
N ASP A 437 6.40 7.77 -19.40
CA ASP A 437 7.42 8.41 -20.22
C ASP A 437 7.46 7.90 -21.65
N GLY A 438 6.56 6.98 -22.01
CA GLY A 438 6.42 6.55 -23.38
C GLY A 438 7.34 5.42 -23.79
N SER A 439 8.14 4.87 -22.87
CA SER A 439 9.01 3.76 -23.21
C SER A 439 8.21 2.47 -23.43
N ILE A 440 7.05 2.37 -22.79
CA ILE A 440 6.13 1.25 -22.96
C ILE A 440 4.87 1.80 -23.61
N THR A 441 4.52 1.26 -24.78
CA THR A 441 3.31 1.65 -25.48
C THR A 441 2.22 0.60 -25.25
N LYS A 442 1.02 0.91 -25.73
CA LYS A 442 -0.09 -0.03 -25.55
C LYS A 442 0.18 -1.34 -26.29
N GLU A 443 1.08 -1.35 -27.25
CA GLU A 443 1.43 -2.59 -27.92
C GLU A 443 2.16 -3.56 -27.01
N ASN A 444 2.81 -3.08 -25.95
CA ASN A 444 3.57 -3.99 -25.10
C ASN A 444 3.36 -3.73 -23.61
N TYR A 445 2.24 -3.10 -23.23
CA TYR A 445 1.88 -2.99 -21.83
C TYR A 445 2.13 -4.30 -21.08
N ASN A 446 1.51 -5.37 -21.57
CA ASN A 446 1.46 -6.60 -20.81
C ASN A 446 2.76 -7.35 -20.87
N GLN A 447 3.41 -7.37 -22.04
CA GLN A 447 4.70 -8.01 -22.17
C GLN A 447 5.72 -7.39 -21.21
N GLU A 448 5.74 -6.06 -21.10
CA GLU A 448 6.70 -5.42 -20.23
C GLU A 448 6.36 -5.62 -18.76
N TRP A 449 5.08 -5.71 -18.41
CA TRP A 449 4.69 -6.04 -17.04
C TRP A 449 5.28 -7.39 -16.62
N TRP A 450 5.10 -8.41 -17.46
CA TRP A 450 5.62 -9.73 -17.12
C TRP A 450 7.14 -9.79 -17.18
N SER A 451 7.77 -8.99 -18.03
CA SER A 451 9.23 -8.92 -17.98
C SER A 451 9.71 -8.47 -16.61
N LEU A 452 8.95 -7.56 -15.98
CA LEU A 452 9.35 -7.05 -14.67
C LEU A 452 8.93 -8.00 -13.56
N ARG A 453 7.76 -8.64 -13.68
CA ARG A 453 7.40 -9.70 -12.75
C ARG A 453 8.47 -10.76 -12.71
N LEU A 454 9.08 -11.08 -13.86
CA LEU A 454 10.18 -12.03 -13.87
C LEU A 454 11.44 -11.43 -13.25
N LYS A 455 11.85 -10.26 -13.74
CA LYS A 455 13.13 -9.69 -13.34
C LYS A 455 13.19 -9.46 -11.83
N TYR A 456 12.13 -8.89 -11.27
CA TYR A 456 12.20 -8.50 -9.86
C TYR A 456 11.65 -9.57 -8.93
N GLN A 457 10.50 -10.18 -9.23
CA GLN A 457 9.91 -11.14 -8.31
C GLN A 457 10.25 -12.59 -8.64
N GLY A 458 10.77 -12.87 -9.83
CA GLY A 458 10.99 -14.25 -10.21
C GLY A 458 9.73 -15.06 -10.31
N LEU A 459 8.67 -14.48 -10.88
CA LEU A 459 7.41 -15.16 -11.12
C LEU A 459 7.15 -15.24 -12.63
N CYS A 460 6.39 -16.25 -13.01
CA CYS A 460 5.94 -16.44 -14.38
C CYS A 460 4.44 -16.67 -14.39
N PRO A 461 3.75 -16.26 -15.46
CA PRO A 461 2.30 -16.50 -15.53
C PRO A 461 2.01 -17.98 -15.73
N PRO A 462 1.00 -18.52 -15.03
CA PRO A 462 0.67 -19.93 -15.24
C PRO A 462 0.11 -20.21 -16.64
N VAL A 463 -0.54 -19.25 -17.26
CA VAL A 463 -1.11 -19.38 -18.59
C VAL A 463 -0.46 -18.33 -19.48
N PRO A 464 0.04 -18.68 -20.66
CA PRO A 464 0.62 -17.65 -21.53
C PRO A 464 -0.39 -16.55 -21.83
N ARG A 465 0.07 -15.31 -21.71
CA ARG A 465 -0.78 -14.16 -21.95
C ARG A 465 -1.03 -14.00 -23.45
N THR A 466 -2.15 -13.37 -23.79
CA THR A 466 -2.55 -13.21 -25.17
C THR A 466 -2.88 -11.75 -25.43
N GLN A 467 -2.93 -11.39 -26.71
CA GLN A 467 -3.31 -10.03 -27.08
C GLN A 467 -4.67 -9.71 -26.49
N GLY A 468 -4.79 -8.51 -25.94
CA GLY A 468 -5.98 -8.11 -25.24
C GLY A 468 -5.85 -8.17 -23.73
N ASP A 469 -4.95 -9.00 -23.21
CA ASP A 469 -4.71 -9.04 -21.78
C ASP A 469 -4.11 -7.72 -21.32
N PHE A 470 -4.49 -7.32 -20.11
CA PHE A 470 -4.01 -6.11 -19.46
C PHE A 470 -4.00 -6.44 -17.96
N ASP A 471 -3.05 -7.29 -17.58
CA ASP A 471 -3.01 -7.77 -16.20
C ASP A 471 -2.77 -6.66 -15.19
N PRO A 472 -2.02 -5.59 -15.48
CA PRO A 472 -1.93 -4.49 -14.50
C PRO A 472 -3.29 -3.92 -14.12
N GLY A 473 -4.27 -3.98 -15.03
CA GLY A 473 -5.59 -3.49 -14.72
C GLY A 473 -6.33 -4.30 -13.68
N ALA A 474 -5.86 -5.50 -13.37
CA ALA A 474 -6.46 -6.35 -12.35
C ALA A 474 -5.94 -6.04 -10.95
N LYS A 475 -5.15 -4.97 -10.80
CA LYS A 475 -4.61 -4.57 -9.52
C LYS A 475 -5.16 -3.18 -9.20
N PHE A 476 -5.81 -3.06 -8.05
CA PHE A 476 -6.59 -1.86 -7.73
C PHE A 476 -5.94 -0.53 -8.08
N HIS A 477 -4.69 -0.34 -7.70
CA HIS A 477 -4.06 0.97 -7.79
C HIS A 477 -3.86 1.45 -9.23
N ILE A 478 -3.93 0.55 -10.20
CA ILE A 478 -3.74 0.91 -11.60
C ILE A 478 -4.99 1.61 -12.12
N PRO A 479 -6.17 0.98 -12.11
CA PRO A 479 -7.37 1.75 -12.52
C PRO A 479 -7.69 2.90 -11.60
N SER A 480 -7.29 2.83 -10.33
CA SER A 480 -7.60 3.89 -9.39
C SER A 480 -6.55 5.01 -9.41
N SER A 481 -5.46 4.84 -10.16
CA SER A 481 -4.45 5.88 -10.31
C SER A 481 -3.89 6.29 -8.95
N VAL A 482 -3.55 5.30 -8.13
CA VAL A 482 -2.90 5.52 -6.85
C VAL A 482 -1.43 5.15 -7.00
N PRO A 483 -0.50 6.07 -6.76
CA PRO A 483 0.92 5.72 -6.88
C PRO A 483 1.29 4.57 -5.95
N TYR A 484 2.34 3.83 -6.33
CA TYR A 484 2.69 2.63 -5.60
C TYR A 484 4.06 2.65 -4.93
N ILE A 485 5.02 3.46 -5.39
CA ILE A 485 6.34 3.43 -4.78
C ILE A 485 6.28 3.83 -3.31
N ARG A 486 5.24 4.56 -2.91
CA ARG A 486 5.02 4.86 -1.49
C ARG A 486 5.08 3.61 -0.63
N TYR A 487 4.62 2.46 -1.13
CA TYR A 487 4.61 1.25 -0.31
C TYR A 487 5.98 0.61 -0.20
N PHE A 488 6.81 0.71 -1.24
CA PHE A 488 8.19 0.29 -1.12
C PHE A 488 8.90 1.11 -0.06
N VAL A 489 8.79 2.44 -0.14
CA VAL A 489 9.37 3.32 0.86
C VAL A 489 8.83 2.96 2.24
N SER A 490 7.51 2.82 2.35
CA SER A 490 6.90 2.54 3.65
C SER A 490 7.47 1.26 4.26
N PHE A 491 7.68 0.22 3.46
CA PHE A 491 8.11 -1.07 4.01
C PHE A 491 9.57 -1.03 4.45
N ILE A 492 10.39 -0.16 3.84
CA ILE A 492 11.75 0.04 4.31
C ILE A 492 11.75 0.84 5.61
N ILE A 493 11.08 2.00 5.61
CA ILE A 493 11.23 2.89 6.75
C ILE A 493 10.46 2.43 7.97
N GLN A 494 9.41 1.62 7.80
CA GLN A 494 8.68 1.17 8.97
C GLN A 494 9.56 0.34 9.90
N PHE A 495 10.53 -0.39 9.35
CA PHE A 495 11.47 -1.11 10.19
C PHE A 495 12.47 -0.17 10.84
N GLN A 496 12.88 0.89 10.12
CA GLN A 496 13.70 1.92 10.73
C GLN A 496 12.97 2.55 11.92
N PHE A 497 11.68 2.85 11.74
CA PHE A 497 10.91 3.46 12.81
C PHE A 497 10.77 2.50 13.99
N HIS A 498 10.42 1.24 13.71
CA HIS A 498 10.32 0.20 14.74
C HIS A 498 11.60 0.14 15.57
N GLU A 499 12.75 0.06 14.90
CA GLU A 499 14.03 -0.05 15.60
C GLU A 499 14.26 1.17 16.50
N ALA A 500 13.96 2.36 15.99
CA ALA A 500 14.17 3.56 16.78
C ALA A 500 13.21 3.63 17.96
N LEU A 501 11.94 3.29 17.74
CA LEU A 501 10.98 3.36 18.83
C LEU A 501 11.27 2.29 19.88
N CYS A 502 11.71 1.10 19.45
CA CYS A 502 12.10 0.08 20.41
C CYS A 502 13.27 0.54 21.25
N GLN A 503 14.25 1.19 20.63
CA GLN A 503 15.35 1.78 21.39
C GLN A 503 14.83 2.85 22.34
N ALA A 504 13.93 3.71 21.86
CA ALA A 504 13.36 4.74 22.72
C ALA A 504 12.64 4.13 23.93
N ALA A 505 12.06 2.95 23.76
CA ALA A 505 11.29 2.27 24.80
C ALA A 505 12.16 1.45 25.74
N GLY A 506 13.48 1.45 25.55
CA GLY A 506 14.39 0.72 26.40
C GLY A 506 14.53 -0.75 26.10
N HIS A 507 13.92 -1.22 25.01
N HIS A 507 13.95 -1.25 25.02
CA HIS A 507 14.00 -2.63 24.66
CA HIS A 507 13.95 -2.68 24.77
C HIS A 507 15.45 -3.02 24.40
C HIS A 507 15.31 -3.13 24.23
N THR A 508 15.80 -4.23 24.78
CA THR A 508 17.11 -4.79 24.47
C THR A 508 16.90 -6.19 23.89
N GLY A 509 17.91 -6.64 23.15
CA GLY A 509 17.85 -7.95 22.54
C GLY A 509 17.25 -7.87 21.15
N PRO A 510 16.95 -9.05 20.59
CA PRO A 510 16.58 -9.10 19.17
C PRO A 510 15.46 -8.13 18.82
N LEU A 511 15.63 -7.41 17.72
CA LEU A 511 14.64 -6.40 17.34
C LEU A 511 13.27 -7.02 17.12
N HIS A 512 13.22 -8.25 16.58
CA HIS A 512 11.93 -8.84 16.26
C HIS A 512 11.14 -9.24 17.49
N LYS A 513 11.72 -9.17 18.68
CA LYS A 513 11.01 -9.48 19.91
C LYS A 513 10.41 -8.25 20.57
N CYS A 514 10.60 -7.07 19.98
CA CYS A 514 10.16 -5.83 20.60
C CYS A 514 8.66 -5.60 20.44
N ASP A 515 8.02 -5.14 21.52
CA ASP A 515 6.61 -4.76 21.54
C ASP A 515 6.52 -3.42 22.25
N ILE A 516 6.16 -2.37 21.51
CA ILE A 516 6.25 -1.01 22.06
C ILE A 516 4.95 -0.58 22.73
N TYR A 517 4.06 -1.54 22.98
CA TYR A 517 2.79 -1.18 23.58
C TYR A 517 2.99 -0.41 24.88
N GLN A 518 2.31 0.72 24.99
CA GLN A 518 2.24 1.62 26.15
C GLN A 518 3.48 2.48 26.32
N SER A 519 4.37 2.55 25.34
CA SER A 519 5.59 3.34 25.47
C SER A 519 5.30 4.81 25.18
N LYS A 520 5.26 5.64 26.21
CA LYS A 520 5.02 7.06 25.97
C LYS A 520 6.20 7.70 25.26
N GLU A 521 7.41 7.17 25.45
CA GLU A 521 8.58 7.69 24.74
C GLU A 521 8.50 7.41 23.25
N ALA A 522 8.03 6.21 22.88
CA ALA A 522 7.82 5.93 21.47
C ALA A 522 6.76 6.85 20.88
N GLY A 523 5.66 7.07 21.61
CA GLY A 523 4.62 7.95 21.13
C GLY A 523 5.14 9.35 20.84
N GLN A 524 6.00 9.88 21.70
CA GLN A 524 6.45 11.25 21.53
C GLN A 524 7.32 11.40 20.29
N ARG A 525 8.17 10.41 20.00
CA ARG A 525 8.92 10.42 18.74
C ARG A 525 7.98 10.57 17.54
N LEU A 526 6.94 9.74 17.50
CA LEU A 526 6.07 9.73 16.34
C LEU A 526 5.28 11.04 16.23
N ALA A 527 4.78 11.55 17.36
CA ALA A 527 3.94 12.73 17.32
C ALA A 527 4.72 13.96 16.83
N THR A 528 5.95 14.16 17.34
CA THR A 528 6.71 15.33 16.91
C THR A 528 6.90 15.32 15.40
N ALA A 529 7.16 14.15 14.83
CA ALA A 529 7.38 14.05 13.38
C ALA A 529 6.07 14.23 12.61
N MET A 530 5.00 13.59 13.08
CA MET A 530 3.73 13.69 12.36
C MET A 530 3.20 15.12 12.37
N LYS A 531 3.44 15.87 13.46
CA LYS A 531 2.96 17.24 13.53
C LYS A 531 3.57 18.14 12.46
N LEU A 532 4.69 17.73 11.87
CA LEU A 532 5.32 18.55 10.84
C LEU A 532 4.54 18.52 9.53
N GLY A 533 3.70 17.51 9.35
CA GLY A 533 3.06 17.31 8.07
C GLY A 533 4.04 17.35 6.93
N PHE A 534 3.71 18.16 5.93
CA PHE A 534 4.53 18.38 4.75
C PHE A 534 5.23 19.74 4.81
N SER A 535 5.49 20.25 6.01
CA SER A 535 6.02 21.60 6.15
C SER A 535 7.53 21.68 5.98
N ARG A 536 8.24 20.56 6.10
CA ARG A 536 9.69 20.52 5.98
C ARG A 536 10.08 19.34 5.12
N PRO A 537 11.26 19.38 4.50
CA PRO A 537 11.75 18.21 3.77
C PRO A 537 11.74 16.97 4.65
N TRP A 538 11.43 15.82 4.05
CA TRP A 538 11.18 14.63 4.88
C TRP A 538 12.40 14.17 5.69
N PRO A 539 13.65 14.43 5.29
CA PRO A 539 14.76 14.01 6.18
C PRO A 539 14.64 14.58 7.58
N GLU A 540 13.96 15.71 7.75
CA GLU A 540 13.77 16.26 9.10
C GLU A 540 12.86 15.36 9.93
N ALA A 541 11.76 14.89 9.35
CA ALA A 541 10.92 13.93 10.06
C ALA A 541 11.66 12.62 10.33
N MET A 542 12.44 12.16 9.36
CA MET A 542 13.23 10.95 9.57
C MET A 542 14.17 11.13 10.76
N GLN A 543 14.77 12.31 10.88
CA GLN A 543 15.71 12.59 11.96
C GLN A 543 15.01 12.61 13.31
N LEU A 544 13.81 13.17 13.38
CA LEU A 544 13.09 13.21 14.65
C LEU A 544 12.75 11.82 15.14
N ILE A 545 12.46 10.89 14.23
CA ILE A 545 12.07 9.55 14.67
C ILE A 545 13.30 8.71 14.98
N THR A 546 14.30 8.72 14.11
CA THR A 546 15.36 7.73 14.15
C THR A 546 16.72 8.27 14.59
N GLY A 547 16.87 9.58 14.75
CA GLY A 547 18.16 10.13 15.10
C GLY A 547 19.11 10.30 13.95
N GLN A 548 18.64 10.12 12.71
CA GLN A 548 19.47 10.29 11.53
C GLN A 548 18.53 10.54 10.36
N PRO A 549 19.06 11.01 9.22
CA PRO A 549 18.19 11.54 8.17
C PRO A 549 17.95 10.67 6.95
N GLN A 550 18.53 9.49 6.85
CA GLN A 550 18.51 8.72 5.61
C GLN A 550 17.52 7.56 5.66
N MET A 551 17.02 7.20 4.48
CA MET A 551 16.39 5.90 4.29
C MET A 551 17.46 4.81 4.28
N SER A 552 17.19 3.69 4.95
CA SER A 552 18.19 2.66 5.11
C SER A 552 17.52 1.32 5.34
N ALA A 553 18.06 0.29 4.69
CA ALA A 553 17.56 -1.07 4.86
C ALA A 553 18.19 -1.80 6.04
N SER A 554 19.09 -1.16 6.78
CA SER A 554 19.80 -1.89 7.84
C SER A 554 18.84 -2.40 8.91
N ALA A 555 17.80 -1.63 9.22
CA ALA A 555 16.86 -2.07 10.26
C ALA A 555 16.09 -3.31 9.82
N MET A 556 15.57 -3.30 8.59
CA MET A 556 14.90 -4.50 8.09
C MET A 556 15.85 -5.68 8.06
N LEU A 557 17.10 -5.46 7.65
CA LEU A 557 18.08 -6.54 7.63
C LEU A 557 18.37 -7.05 9.04
N SER A 558 18.48 -6.14 10.01
CA SER A 558 18.69 -6.56 11.39
C SER A 558 17.51 -7.39 11.89
N TYR A 559 16.29 -6.95 11.60
CA TYR A 559 15.09 -7.66 12.05
C TYR A 559 15.11 -9.11 11.59
N PHE A 560 15.46 -9.36 10.33
CA PHE A 560 15.38 -10.69 9.73
C PHE A 560 16.69 -11.45 9.75
N LYS A 561 17.73 -10.92 10.38
CA LYS A 561 19.03 -11.59 10.35
C LYS A 561 19.00 -13.04 10.80
N PRO A 562 18.32 -13.42 11.89
CA PRO A 562 18.29 -14.86 12.24
C PRO A 562 17.62 -15.70 11.18
N LEU A 563 16.66 -15.15 10.44
CA LEU A 563 16.01 -15.92 9.38
C LEU A 563 16.93 -16.08 8.18
N LEU A 564 17.68 -15.03 7.83
CA LEU A 564 18.63 -15.14 6.73
C LEU A 564 19.66 -16.24 7.01
N ASP A 565 20.15 -16.30 8.26
CA ASP A 565 21.07 -17.37 8.64
C ASP A 565 20.43 -18.74 8.46
N TRP A 566 19.20 -18.90 8.95
CA TRP A 566 18.52 -20.19 8.85
C TRP A 566 18.27 -20.55 7.38
N LEU A 567 17.83 -19.58 6.58
CA LEU A 567 17.54 -19.83 5.17
C LEU A 567 18.78 -20.24 4.39
N ARG A 568 19.93 -19.60 4.67
CA ARG A 568 21.14 -19.97 3.95
C ARG A 568 21.54 -21.40 4.27
N THR A 569 21.50 -21.77 5.55
CA THR A 569 21.82 -23.13 5.94
C THR A 569 20.86 -24.12 5.30
N GLU A 570 19.56 -23.82 5.34
CA GLU A 570 18.56 -24.72 4.77
C GLU A 570 18.73 -24.83 3.26
N ASN A 571 18.88 -23.71 2.57
CA ASN A 571 19.00 -23.76 1.12
C ASN A 571 20.30 -24.42 0.69
N GLU A 572 21.38 -24.23 1.45
CA GLU A 572 22.64 -24.88 1.13
C GLU A 572 22.55 -26.38 1.28
N LEU A 573 21.84 -26.83 2.33
CA LEU A 573 21.67 -28.24 2.59
C LEU A 573 20.97 -28.96 1.45
N HIS A 574 20.05 -28.27 0.78
CA HIS A 574 19.29 -28.83 -0.32
C HIS A 574 19.89 -28.52 -1.68
N GLY A 575 20.96 -27.73 -1.72
CA GLY A 575 21.62 -27.39 -2.97
C GLY A 575 20.81 -26.49 -3.87
N GLU A 576 20.10 -25.53 -3.29
CA GLU A 576 19.28 -24.65 -4.12
C GLU A 576 20.17 -23.76 -4.98
N LYS A 577 19.75 -23.54 -6.22
CA LYS A 577 20.33 -22.51 -7.06
C LYS A 577 19.49 -21.26 -6.91
N LEU A 578 20.05 -20.25 -6.24
CA LEU A 578 19.30 -19.02 -5.99
C LEU A 578 19.02 -18.30 -7.30
N GLY A 579 17.91 -17.58 -7.33
CA GLY A 579 17.51 -16.90 -8.53
C GLY A 579 16.88 -17.83 -9.53
N TRP A 580 16.69 -17.32 -10.74
CA TRP A 580 16.04 -18.07 -11.82
C TRP A 580 16.93 -18.00 -13.05
N PRO A 581 18.09 -18.67 -13.00
CA PRO A 581 18.94 -18.72 -14.21
C PRO A 581 18.19 -19.23 -15.43
N GLN A 582 17.33 -20.23 -15.25
CA GLN A 582 16.42 -20.67 -16.31
C GLN A 582 15.22 -19.73 -16.39
N TYR A 583 15.53 -18.44 -16.59
CA TYR A 583 14.52 -17.39 -16.51
C TYR A 583 13.44 -17.53 -17.57
N ASN A 584 13.72 -18.25 -18.66
CA ASN A 584 12.75 -18.40 -19.74
C ASN A 584 11.76 -19.52 -19.50
N TRP A 585 11.84 -20.24 -18.38
CA TRP A 585 10.91 -21.33 -18.13
C TRP A 585 9.52 -20.80 -17.81
N THR A 586 8.52 -21.48 -18.34
CA THR A 586 7.12 -21.26 -18.00
C THR A 586 6.43 -22.62 -17.97
N PRO A 587 5.30 -22.74 -17.29
CA PRO A 587 4.66 -24.05 -17.13
C PRO A 587 4.37 -24.76 -18.45
N ASN A 588 4.57 -26.07 -18.44
CA ASN A 588 4.27 -26.89 -19.61
C ASN A 588 2.80 -27.27 -19.68
N SER A 589 2.14 -27.43 -18.53
CA SER A 589 0.73 -27.80 -18.48
C SER A 589 0.00 -27.11 -17.33
#